data_5SUH
#
_entry.id   5SUH
#
_cell.length_a   139.890
_cell.length_b   139.890
_cell.length_c   150.120
_cell.angle_alpha   90.00
_cell.angle_beta   90.00
_cell.angle_gamma   120.00
#
_symmetry.space_group_name_H-M   'P 63 2 2'
#
loop_
_entity.id
_entity.type
_entity.pdbx_description
1 polymer 'MSM0271 protein'
2 water water
#
_entity_poly.entity_id   1
_entity_poly.type   'polypeptide(L)'
_entity_poly.pdbx_seq_one_letter_code
;MGSSHHHHHHSSGLVPRGSHMVAPETERIRTQIRVYLLVEDLQRQFAAYLGTPTRARGYPPYEGEHALIVEVSPALAIER
VIDLALRAVPGVQPGILYVERQFGVLEIHSASLDEVRRAGEAILAGTGNRAEDQLRPRVLFHDIITDITDQHAVILNRNR
QASMILPGQSLLVYEMTPALFAAVAANEAERVAPGLTVVDVQMIGAAGRLYIGGSTDEVTVARDHITTVLSAIEGQEH
;
_entity_poly.pdbx_strand_id   A,B,C
#
# COMPACT_ATOMS: atom_id res chain seq x y z
N ARG A 30 -11.47 22.06 -7.82
CA ARG A 30 -11.41 21.41 -6.51
C ARG A 30 -11.26 19.87 -6.62
N THR A 31 -12.24 19.22 -7.25
CA THR A 31 -12.18 17.79 -7.56
C THR A 31 -11.55 17.47 -8.93
N GLN A 32 -10.39 16.83 -8.94
CA GLN A 32 -9.73 16.53 -10.20
C GLN A 32 -10.03 15.14 -10.77
N ILE A 33 -10.46 15.11 -12.02
CA ILE A 33 -10.71 13.87 -12.71
C ILE A 33 -9.47 13.31 -13.40
N ARG A 34 -9.06 12.12 -12.97
CA ARG A 34 -7.89 11.44 -13.51
C ARG A 34 -8.32 10.55 -14.68
N VAL A 35 -9.42 9.82 -14.47
CA VAL A 35 -10.01 8.96 -15.49
C VAL A 35 -11.52 9.17 -15.56
N TYR A 36 -12.07 9.33 -16.77
CA TYR A 36 -13.53 9.41 -16.98
C TYR A 36 -13.90 8.71 -18.28
N LEU A 37 -14.55 7.56 -18.20
CA LEU A 37 -14.77 6.75 -19.40
C LEU A 37 -16.04 5.91 -19.42
N LEU A 38 -16.74 6.00 -20.56
CA LEU A 38 -17.79 5.03 -20.92
C LEU A 38 -17.20 3.80 -21.55
N VAL A 39 -17.44 2.68 -20.89
CA VAL A 39 -17.12 1.37 -21.38
C VAL A 39 -18.38 0.71 -21.88
N GLU A 40 -18.53 0.65 -23.20
CA GLU A 40 -19.79 0.23 -23.80
C GLU A 40 -19.75 -1.27 -24.13
N ASP A 41 -20.90 -1.95 -23.94
CA ASP A 41 -21.05 -3.38 -24.22
C ASP A 41 -20.02 -4.32 -23.52
N LEU A 42 -20.23 -4.65 -22.25
CA LEU A 42 -19.26 -5.50 -21.51
C LEU A 42 -19.13 -6.95 -22.03
N GLN A 43 -17.90 -7.40 -22.25
CA GLN A 43 -17.68 -8.79 -22.69
C GLN A 43 -17.77 -9.75 -21.48
N ARG A 44 -18.08 -11.03 -21.70
CA ARG A 44 -18.47 -11.87 -20.56
C ARG A 44 -17.36 -12.23 -19.56
N GLN A 45 -16.12 -12.41 -20.02
CA GLN A 45 -15.02 -12.69 -19.09
C GLN A 45 -14.72 -11.50 -18.23
N PHE A 46 -14.74 -10.34 -18.85
CA PHE A 46 -14.33 -9.17 -18.10
C PHE A 46 -15.42 -8.78 -17.13
N ALA A 47 -16.68 -8.99 -17.52
CA ALA A 47 -17.85 -8.68 -16.67
C ALA A 47 -17.86 -9.52 -15.39
N ALA A 48 -17.36 -10.74 -15.51
CA ALA A 48 -17.38 -11.65 -14.39
C ALA A 48 -16.19 -11.36 -13.50
N TYR A 49 -15.12 -10.91 -14.11
CA TYR A 49 -13.91 -10.63 -13.37
C TYR A 49 -14.16 -9.59 -12.24
N LEU A 50 -14.94 -8.54 -12.53
CA LEU A 50 -15.27 -7.51 -11.54
C LEU A 50 -16.07 -8.08 -10.36
N ALA A 56 -14.33 -4.23 -1.76
CA ALA A 56 -14.41 -3.15 -2.77
C ALA A 56 -15.66 -3.29 -3.64
N ARG A 57 -16.18 -4.51 -3.72
CA ARG A 57 -17.20 -4.86 -4.70
C ARG A 57 -18.64 -4.59 -4.20
N GLY A 58 -19.54 -4.27 -5.15
CA GLY A 58 -20.95 -4.10 -4.88
C GLY A 58 -21.75 -5.04 -5.77
N TYR A 59 -22.67 -4.50 -6.56
CA TYR A 59 -23.39 -5.36 -7.52
C TYR A 59 -22.47 -5.81 -8.67
N PRO A 60 -22.63 -7.07 -9.08
CA PRO A 60 -21.89 -7.56 -10.25
C PRO A 60 -22.56 -7.16 -11.58
N PRO A 61 -21.77 -6.61 -12.52
CA PRO A 61 -22.30 -6.32 -13.86
C PRO A 61 -22.49 -7.62 -14.64
N TYR A 62 -23.26 -7.58 -15.73
CA TYR A 62 -23.48 -8.76 -16.57
C TYR A 62 -23.11 -8.47 -18.03
N GLU A 63 -22.90 -9.53 -18.81
CA GLU A 63 -22.56 -9.41 -20.21
C GLU A 63 -23.60 -8.58 -20.97
N GLY A 64 -23.14 -7.63 -21.78
CA GLY A 64 -24.03 -6.84 -22.60
C GLY A 64 -24.48 -5.54 -22.01
N GLU A 65 -24.20 -5.34 -20.71
CA GLU A 65 -24.53 -4.11 -19.98
C GLU A 65 -23.46 -3.01 -20.25
N HIS A 66 -23.69 -1.80 -19.75
CA HIS A 66 -22.74 -0.70 -19.99
C HIS A 66 -22.23 -0.05 -18.68
N ALA A 67 -20.98 0.41 -18.68
CA ALA A 67 -20.38 0.95 -17.46
C ALA A 67 -19.76 2.34 -17.59
N LEU A 68 -19.77 3.08 -16.47
CA LEU A 68 -19.02 4.31 -16.35
C LEU A 68 -17.91 4.12 -15.31
N ILE A 69 -16.67 4.42 -15.67
CA ILE A 69 -15.54 4.28 -14.73
C ILE A 69 -14.92 5.63 -14.46
N VAL A 70 -14.72 5.96 -13.18
CA VAL A 70 -14.14 7.25 -12.80
C VAL A 70 -13.06 7.09 -11.73
N GLU A 71 -11.91 7.70 -11.97
CA GLU A 71 -10.83 7.82 -10.98
C GLU A 71 -10.58 9.32 -10.65
N VAL A 72 -10.48 9.67 -9.36
CA VAL A 72 -10.33 11.09 -8.99
C VAL A 72 -9.29 11.37 -7.91
N SER A 73 -8.99 12.65 -7.76
CA SER A 73 -8.09 13.15 -6.73
C SER A 73 -8.65 14.46 -6.17
N PRO A 74 -8.61 14.66 -4.82
CA PRO A 74 -8.13 13.76 -3.77
C PRO A 74 -9.07 12.58 -3.57
N ALA A 75 -8.58 11.48 -3.00
CA ALA A 75 -9.31 10.19 -3.01
C ALA A 75 -10.74 10.28 -2.45
N LEU A 76 -10.90 10.99 -1.34
CA LEU A 76 -12.17 11.00 -0.65
C LEU A 76 -13.27 11.74 -1.42
N ALA A 77 -12.91 12.44 -2.49
CA ALA A 77 -13.90 13.19 -3.26
C ALA A 77 -14.89 12.26 -3.96
N ILE A 78 -14.48 11.01 -4.12
CA ILE A 78 -15.27 10.00 -4.84
C ILE A 78 -16.61 9.72 -4.11
N GLU A 79 -16.67 10.03 -2.83
CA GLU A 79 -17.93 9.88 -2.09
C GLU A 79 -18.93 10.94 -2.54
N ARG A 80 -18.47 12.10 -3.00
CA ARG A 80 -19.38 13.11 -3.54
C ARG A 80 -19.81 12.71 -4.95
N VAL A 81 -18.88 12.10 -5.71
CA VAL A 81 -19.11 11.64 -7.07
C VAL A 81 -20.20 10.53 -7.16
N ILE A 82 -20.17 9.55 -6.26
CA ILE A 82 -21.14 8.47 -6.35
C ILE A 82 -22.54 8.99 -6.00
N ASP A 83 -22.65 9.85 -4.99
CA ASP A 83 -23.95 10.44 -4.64
C ASP A 83 -24.53 11.23 -5.82
N LEU A 84 -23.66 11.92 -6.55
CA LEU A 84 -24.09 12.76 -7.65
C LEU A 84 -24.74 11.89 -8.71
N ALA A 85 -24.15 10.73 -8.92
CA ALA A 85 -24.63 9.81 -9.94
C ALA A 85 -25.90 9.11 -9.49
N LEU A 86 -25.89 8.57 -8.28
CA LEU A 86 -26.96 7.73 -7.78
C LEU A 86 -28.25 8.54 -7.59
N ARG A 87 -28.13 9.85 -7.42
CA ARG A 87 -29.33 10.63 -7.18
C ARG A 87 -29.90 11.25 -8.47
N ALA A 88 -29.07 11.34 -9.50
CA ALA A 88 -29.52 11.80 -10.82
C ALA A 88 -30.25 10.71 -11.60
N VAL A 89 -29.69 9.49 -11.55
CA VAL A 89 -30.25 8.33 -12.24
C VAL A 89 -30.34 7.12 -11.29
N PRO A 90 -31.46 7.00 -10.56
CA PRO A 90 -31.64 5.92 -9.57
C PRO A 90 -31.51 4.49 -10.14
N GLY A 91 -31.69 4.32 -11.44
CA GLY A 91 -31.56 3.03 -12.11
C GLY A 91 -30.16 2.48 -12.35
N VAL A 92 -29.10 3.23 -12.04
CA VAL A 92 -27.75 2.69 -12.19
C VAL A 92 -27.34 2.04 -10.87
N GLN A 93 -26.41 1.09 -10.94
CA GLN A 93 -25.98 0.34 -9.76
C GLN A 93 -24.48 0.43 -9.58
N PRO A 94 -24.05 0.64 -8.35
CA PRO A 94 -22.60 0.67 -8.10
C PRO A 94 -21.98 -0.73 -8.04
N GLY A 95 -20.92 -0.95 -8.82
CA GLY A 95 -20.21 -2.22 -8.80
C GLY A 95 -18.91 -2.16 -8.03
N ILE A 96 -18.28 -0.99 -8.08
CA ILE A 96 -17.04 -0.71 -7.37
C ILE A 96 -17.06 0.69 -6.73
N LEU A 97 -16.65 0.76 -5.47
CA LEU A 97 -16.43 2.02 -4.76
C LEU A 97 -15.28 1.84 -3.77
N TYR A 98 -14.16 2.53 -3.99
CA TYR A 98 -13.00 2.30 -3.14
C TYR A 98 -12.09 3.51 -3.07
N VAL A 99 -11.58 3.77 -1.85
CA VAL A 99 -10.61 4.83 -1.54
C VAL A 99 -9.24 4.20 -1.25
N GLU A 100 -8.28 4.44 -2.14
CA GLU A 100 -6.97 3.77 -2.16
C GLU A 100 -5.95 4.64 -1.39
N ARG A 101 -4.66 4.31 -1.41
CA ARG A 101 -3.62 5.12 -0.75
C ARG A 101 -3.61 6.57 -1.20
N GLN A 102 -3.77 6.79 -2.51
CA GLN A 102 -3.77 8.11 -3.14
C GLN A 102 -5.08 8.50 -3.87
N PHE A 103 -5.75 7.54 -4.51
CA PHE A 103 -6.86 7.86 -5.42
C PHE A 103 -8.21 7.21 -5.08
N GLY A 104 -9.29 7.79 -5.62
CA GLY A 104 -10.65 7.30 -5.43
C GLY A 104 -11.25 6.73 -6.70
N VAL A 105 -11.95 5.61 -6.55
CA VAL A 105 -12.43 4.84 -7.70
C VAL A 105 -13.92 4.52 -7.61
N LEU A 106 -14.61 4.62 -8.75
CA LEU A 106 -16.04 4.24 -8.82
C LEU A 106 -16.34 3.52 -10.13
N GLU A 107 -17.16 2.48 -10.06
CA GLU A 107 -17.75 1.89 -11.25
C GLU A 107 -19.27 1.89 -11.08
N ILE A 108 -20.00 2.40 -12.06
CA ILE A 108 -21.46 2.25 -12.05
C ILE A 108 -21.85 1.63 -13.39
N HIS A 109 -22.95 0.88 -13.43
CA HIS A 109 -23.36 0.19 -14.65
C HIS A 109 -24.88 0.09 -14.73
N SER A 110 -25.37 -0.19 -15.94
CA SER A 110 -26.79 -0.38 -16.21
C SER A 110 -27.00 -1.11 -17.53
N ALA A 111 -28.19 -1.66 -17.70
CA ALA A 111 -28.56 -2.25 -18.97
C ALA A 111 -28.76 -1.11 -20.01
N SER A 112 -29.11 0.07 -19.55
CA SER A 112 -29.36 1.20 -20.46
C SER A 112 -28.12 2.09 -20.64
N LEU A 113 -27.65 2.21 -21.88
CA LEU A 113 -26.50 3.06 -22.17
C LEU A 113 -26.82 4.53 -21.88
N ASP A 114 -28.07 4.93 -22.08
CA ASP A 114 -28.45 6.32 -21.87
C ASP A 114 -28.38 6.65 -20.37
N GLU A 115 -28.68 5.67 -19.53
CA GLU A 115 -28.67 5.88 -18.09
C GLU A 115 -27.26 6.18 -17.55
N VAL A 116 -26.27 5.42 -18.03
CA VAL A 116 -24.87 5.55 -17.61
C VAL A 116 -24.33 6.90 -18.09
N ARG A 117 -24.66 7.23 -19.33
CA ARG A 117 -24.33 8.52 -19.92
C ARG A 117 -24.83 9.70 -19.08
N ARG A 118 -26.10 9.66 -18.71
CA ARG A 118 -26.71 10.78 -17.98
C ARG A 118 -26.12 10.89 -16.56
N ALA A 119 -25.81 9.75 -15.95
CA ALA A 119 -25.20 9.78 -14.63
C ALA A 119 -23.80 10.39 -14.73
N GLY A 120 -23.11 10.10 -15.84
CA GLY A 120 -21.79 10.65 -16.08
C GLY A 120 -21.83 12.16 -16.19
N GLU A 121 -22.86 12.66 -16.85
CA GLU A 121 -23.03 14.10 -17.01
C GLU A 121 -23.34 14.80 -15.66
N ALA A 122 -24.10 14.16 -14.78
CA ALA A 122 -24.37 14.75 -13.47
C ALA A 122 -23.08 14.95 -12.68
N ILE A 123 -22.16 14.00 -12.84
CA ILE A 123 -20.87 14.05 -12.15
C ILE A 123 -20.01 15.22 -12.65
N LEU A 124 -19.97 15.35 -13.98
CA LEU A 124 -19.22 16.42 -14.62
C LEU A 124 -19.77 17.80 -14.24
N ALA A 125 -21.09 17.95 -14.33
CA ALA A 125 -21.73 19.23 -14.02
C ALA A 125 -21.57 19.61 -12.54
N GLY A 126 -21.79 18.64 -11.65
CA GLY A 126 -21.70 18.86 -10.23
C GLY A 126 -20.30 19.06 -9.69
N THR A 127 -19.28 18.80 -10.49
CA THR A 127 -17.91 19.03 -10.04
C THR A 127 -17.22 20.12 -10.87
N GLY A 128 -17.95 20.66 -11.84
CA GLY A 128 -17.40 21.67 -12.74
C GLY A 128 -16.29 21.12 -13.61
N ASN A 129 -16.42 19.85 -14.04
CA ASN A 129 -15.40 19.24 -14.91
C ASN A 129 -15.90 18.89 -16.34
N ARG A 130 -14.95 18.60 -17.22
CA ARG A 130 -15.25 18.07 -18.54
C ARG A 130 -14.48 16.79 -18.83
N ALA A 131 -14.95 16.04 -19.83
CA ALA A 131 -14.40 14.71 -20.10
C ALA A 131 -12.90 14.80 -20.46
N GLU A 132 -12.51 15.87 -21.13
CA GLU A 132 -11.14 15.94 -21.59
C GLU A 132 -10.23 16.54 -20.52
N ASP A 133 -10.77 16.75 -19.32
CA ASP A 133 -9.94 17.15 -18.17
C ASP A 133 -9.18 15.93 -17.61
N GLN A 134 -9.53 14.71 -18.02
CA GLN A 134 -8.83 13.52 -17.56
C GLN A 134 -7.38 13.42 -18.07
N LEU A 135 -6.60 12.54 -17.45
CA LEU A 135 -5.23 12.25 -17.93
C LEU A 135 -5.25 11.31 -19.13
N ARG A 136 -4.42 11.59 -20.13
CA ARG A 136 -4.34 10.66 -21.25
C ARG A 136 -3.48 9.47 -20.80
N PRO A 137 -3.82 8.27 -21.29
CA PRO A 137 -3.11 7.04 -20.88
C PRO A 137 -1.62 7.08 -21.19
N ARG A 138 -0.81 6.67 -20.21
CA ARG A 138 0.62 6.53 -20.41
C ARG A 138 1.01 5.08 -20.28
N VAL A 139 1.56 4.52 -21.36
CA VAL A 139 2.02 3.15 -21.36
C VAL A 139 3.36 2.99 -20.64
N LEU A 140 3.40 2.10 -19.65
CA LEU A 140 4.62 1.90 -18.83
C LEU A 140 5.44 0.71 -19.29
N PHE A 141 4.76 -0.34 -19.75
CA PHE A 141 5.42 -1.56 -20.17
C PHE A 141 4.43 -2.49 -20.91
N HIS A 142 4.93 -3.23 -21.88
CA HIS A 142 4.19 -4.38 -22.45
C HIS A 142 5.20 -5.38 -23.04
N ASP A 143 4.80 -6.65 -23.07
CA ASP A 143 5.62 -7.73 -23.57
C ASP A 143 4.80 -8.99 -23.80
N ILE A 144 5.27 -9.86 -24.70
CA ILE A 144 4.62 -11.16 -24.95
C ILE A 144 5.63 -12.26 -24.63
N ILE A 145 5.37 -13.01 -23.57
CA ILE A 145 6.16 -14.17 -23.18
C ILE A 145 5.53 -15.41 -23.82
N THR A 146 6.19 -15.98 -24.82
CA THR A 146 5.67 -17.18 -25.46
C THR A 146 6.03 -18.46 -24.71
N ASP A 147 5.16 -19.47 -24.81
CA ASP A 147 5.42 -20.80 -24.27
C ASP A 147 5.87 -20.73 -22.80
N ILE A 148 4.98 -20.30 -21.91
CA ILE A 148 5.35 -20.09 -20.52
C ILE A 148 5.77 -21.43 -19.87
N THR A 149 6.85 -21.39 -19.11
CA THR A 149 7.37 -22.60 -18.46
C THR A 149 6.43 -23.01 -17.35
N ASP A 150 6.44 -24.29 -16.98
CA ASP A 150 5.45 -24.78 -16.02
C ASP A 150 5.65 -24.18 -14.62
N GLN A 151 6.89 -23.90 -14.26
CA GLN A 151 7.17 -23.29 -12.95
C GLN A 151 6.72 -21.82 -12.90
N HIS A 152 6.82 -21.14 -14.02
CA HIS A 152 6.34 -19.77 -14.10
C HIS A 152 4.81 -19.76 -13.96
N ALA A 153 4.16 -20.68 -14.68
CA ALA A 153 2.70 -20.79 -14.67
C ALA A 153 2.18 -21.14 -13.27
N VAL A 154 2.85 -22.07 -12.59
CA VAL A 154 2.34 -22.46 -11.29
C VAL A 154 2.44 -21.30 -10.25
N ILE A 155 3.56 -20.57 -10.21
CA ILE A 155 3.67 -19.48 -9.22
C ILE A 155 2.87 -18.25 -9.66
N LEU A 156 2.71 -18.08 -10.97
CA LEU A 156 1.89 -17.00 -11.49
C LEU A 156 0.43 -17.24 -11.04
N ASN A 157 -0.03 -18.49 -11.11
CA ASN A 157 -1.44 -18.79 -10.78
C ASN A 157 -1.83 -18.63 -9.31
N ARG A 158 -0.87 -18.57 -8.37
CA ARG A 158 -1.26 -18.39 -6.97
C ARG A 158 -1.16 -16.93 -6.48
N ASN A 159 -0.71 -16.03 -7.35
CA ASN A 159 -0.73 -14.60 -7.02
C ASN A 159 -1.88 -13.94 -7.78
N ARG A 160 -2.63 -14.75 -8.52
CA ARG A 160 -3.82 -14.32 -9.26
C ARG A 160 -4.98 -15.13 -8.66
N GLN A 161 -6.23 -14.62 -8.68
CA GLN A 161 -7.30 -15.51 -8.22
C GLN A 161 -8.47 -15.89 -9.18
N ALA A 162 -8.47 -15.46 -10.45
CA ALA A 162 -9.60 -15.81 -11.35
C ALA A 162 -9.28 -17.00 -12.25
N SER A 163 -9.33 -16.81 -13.57
CA SER A 163 -8.93 -17.88 -14.50
C SER A 163 -7.45 -18.08 -14.37
N MET A 164 -6.97 -19.15 -15.00
CA MET A 164 -5.60 -19.55 -14.84
C MET A 164 -4.94 -19.73 -16.18
N ILE A 165 -3.62 -19.56 -16.19
CA ILE A 165 -2.85 -19.79 -17.39
C ILE A 165 -2.19 -21.15 -17.28
N LEU A 166 -2.18 -21.89 -18.39
CA LEU A 166 -1.58 -23.23 -18.44
C LEU A 166 -0.20 -23.24 -19.10
N PRO A 167 0.68 -24.17 -18.70
CA PRO A 167 2.03 -24.19 -19.29
C PRO A 167 1.96 -24.34 -20.81
N GLY A 168 2.72 -23.58 -21.58
CA GLY A 168 2.67 -23.70 -23.03
C GLY A 168 1.90 -22.60 -23.73
N GLN A 169 1.03 -21.94 -22.98
CA GLN A 169 0.31 -20.81 -23.50
C GLN A 169 1.25 -19.57 -23.60
N SER A 170 0.87 -18.61 -24.43
CA SER A 170 1.60 -17.36 -24.49
C SER A 170 0.95 -16.34 -23.54
N LEU A 171 1.78 -15.51 -22.91
CA LEU A 171 1.28 -14.55 -21.94
C LEU A 171 1.56 -13.09 -22.37
N LEU A 172 0.51 -12.26 -22.40
CA LEU A 172 0.69 -10.82 -22.61
C LEU A 172 0.58 -10.05 -21.30
N VAL A 173 1.57 -9.23 -21.00
CA VAL A 173 1.45 -8.34 -19.83
C VAL A 173 1.45 -6.91 -20.36
N TYR A 174 0.61 -6.06 -19.76
CA TYR A 174 0.46 -4.68 -20.20
C TYR A 174 0.26 -3.75 -18.99
N GLU A 175 1.13 -2.77 -18.86
CA GLU A 175 1.08 -1.87 -17.73
C GLU A 175 0.90 -0.43 -18.19
N MET A 176 0.02 0.30 -17.50
CA MET A 176 -0.34 1.69 -17.83
C MET A 176 -0.64 2.53 -16.60
N THR A 177 -0.72 3.84 -16.79
CA THR A 177 -1.18 4.72 -15.73
C THR A 177 -1.89 5.97 -16.31
N PRO A 178 -2.98 6.43 -15.65
CA PRO A 178 -3.65 5.93 -14.43
C PRO A 178 -4.19 4.50 -14.53
N ALA A 179 -4.24 3.84 -13.38
CA ALA A 179 -4.56 2.43 -13.27
C ALA A 179 -5.91 2.04 -13.84
N LEU A 180 -6.90 2.94 -13.76
CA LEU A 180 -8.26 2.52 -14.07
C LEU A 180 -8.43 2.26 -15.58
N PHE A 181 -7.49 2.73 -16.39
CA PHE A 181 -7.56 2.49 -17.84
C PHE A 181 -7.38 1.02 -18.17
N ALA A 182 -6.92 0.25 -17.19
CA ALA A 182 -6.77 -1.19 -17.36
C ALA A 182 -8.13 -1.83 -17.66
N ALA A 183 -9.18 -1.17 -17.18
CA ALA A 183 -10.55 -1.63 -17.38
C ALA A 183 -10.91 -1.66 -18.87
N VAL A 184 -10.66 -0.55 -19.57
CA VAL A 184 -11.06 -0.48 -20.97
C VAL A 184 -10.12 -1.37 -21.81
N ALA A 185 -8.85 -1.46 -21.42
CA ALA A 185 -7.90 -2.31 -22.17
C ALA A 185 -8.33 -3.79 -22.10
N ALA A 186 -8.75 -4.26 -20.94
CA ALA A 186 -9.19 -5.67 -20.81
C ALA A 186 -10.43 -5.94 -21.66
N ASN A 187 -11.45 -5.07 -21.54
CA ASN A 187 -12.69 -5.25 -22.28
C ASN A 187 -12.48 -5.15 -23.81
N GLU A 188 -11.60 -4.25 -24.27
CA GLU A 188 -11.35 -4.15 -25.71
C GLU A 188 -10.63 -5.42 -26.24
N ALA A 189 -9.67 -5.93 -25.48
CA ALA A 189 -8.97 -7.16 -25.87
C ALA A 189 -9.93 -8.33 -26.02
N GLU A 190 -10.87 -8.51 -25.10
CA GLU A 190 -11.74 -9.66 -25.21
C GLU A 190 -12.69 -9.54 -26.43
N ARG A 191 -13.05 -8.31 -26.78
CA ARG A 191 -13.97 -8.10 -27.90
C ARG A 191 -13.34 -8.58 -29.22
N VAL A 192 -12.04 -8.34 -29.32
CA VAL A 192 -11.31 -8.49 -30.56
C VAL A 192 -10.64 -9.87 -30.66
N ALA A 193 -10.60 -10.57 -29.54
CA ALA A 193 -9.98 -11.88 -29.45
C ALA A 193 -10.68 -12.78 -28.40
N PRO A 194 -11.91 -13.20 -28.67
CA PRO A 194 -12.78 -13.83 -27.64
C PRO A 194 -12.31 -15.18 -27.05
N GLY A 195 -11.38 -15.86 -27.72
CA GLY A 195 -10.80 -17.08 -27.19
C GLY A 195 -9.75 -16.89 -26.09
N LEU A 196 -9.34 -15.65 -25.81
CA LEU A 196 -8.28 -15.41 -24.82
C LEU A 196 -8.76 -15.70 -23.39
N THR A 197 -7.79 -15.69 -22.48
CA THR A 197 -8.06 -15.92 -21.08
C THR A 197 -7.65 -14.71 -20.26
N VAL A 198 -8.59 -14.08 -19.58
CA VAL A 198 -8.28 -12.96 -18.69
C VAL A 198 -7.80 -13.50 -17.33
N VAL A 199 -6.49 -13.42 -17.10
CA VAL A 199 -5.88 -14.04 -15.93
C VAL A 199 -5.98 -13.14 -14.71
N ASP A 200 -5.79 -11.85 -14.94
CA ASP A 200 -5.85 -10.89 -13.87
C ASP A 200 -5.98 -9.50 -14.48
N VAL A 201 -6.72 -8.61 -13.81
CA VAL A 201 -6.82 -7.21 -14.21
C VAL A 201 -6.70 -6.36 -12.97
N GLN A 202 -5.58 -5.65 -12.81
CA GLN A 202 -5.42 -4.79 -11.63
C GLN A 202 -5.74 -3.34 -12.02
N MET A 203 -6.90 -2.84 -11.59
CA MET A 203 -7.30 -1.50 -12.02
C MET A 203 -7.23 -0.41 -10.92
N ILE A 204 -6.71 -0.75 -9.76
CA ILE A 204 -6.62 0.15 -8.61
C ILE A 204 -5.19 0.30 -8.09
N GLY A 205 -4.70 1.53 -7.99
CA GLY A 205 -3.35 1.78 -7.51
C GLY A 205 -2.60 2.87 -8.28
N ALA A 206 -1.28 2.89 -8.14
CA ALA A 206 -0.48 3.83 -8.91
C ALA A 206 -0.40 3.42 -10.40
N ALA A 207 -0.49 2.12 -10.70
CA ALA A 207 -0.41 1.63 -12.09
C ALA A 207 -1.36 0.48 -12.32
N GLY A 208 -1.90 0.37 -13.52
CA GLY A 208 -2.76 -0.76 -13.83
C GLY A 208 -1.97 -1.87 -14.51
N ARG A 209 -2.38 -3.11 -14.25
CA ARG A 209 -1.71 -4.25 -14.86
C ARG A 209 -2.71 -5.25 -15.43
N LEU A 210 -2.42 -5.70 -16.65
CA LEU A 210 -3.27 -6.62 -17.37
C LEU A 210 -2.47 -7.92 -17.67
N TYR A 211 -3.05 -9.07 -17.33
CA TYR A 211 -2.47 -10.40 -17.64
C TYR A 211 -3.44 -11.18 -18.53
N ILE A 212 -3.00 -11.51 -19.73
CA ILE A 212 -3.81 -12.20 -20.73
C ILE A 212 -3.09 -13.42 -21.33
N GLY A 213 -3.78 -14.54 -21.40
CA GLY A 213 -3.24 -15.78 -21.93
C GLY A 213 -3.96 -16.24 -23.19
N GLY A 214 -3.26 -16.93 -24.08
CA GLY A 214 -3.86 -17.46 -25.30
C GLY A 214 -2.81 -17.97 -26.27
N SER A 215 -3.20 -18.17 -27.53
CA SER A 215 -2.21 -18.53 -28.55
C SER A 215 -1.40 -17.26 -28.87
N THR A 216 -0.21 -17.41 -29.43
CA THR A 216 0.59 -16.22 -29.71
C THR A 216 -0.10 -15.25 -30.65
N ASP A 217 -1.00 -15.75 -31.49
CA ASP A 217 -1.68 -14.84 -32.40
C ASP A 217 -2.84 -14.11 -31.68
N GLU A 218 -3.60 -14.79 -30.81
CA GLU A 218 -4.62 -14.12 -29.99
C GLU A 218 -4.01 -12.99 -29.12
N VAL A 219 -2.87 -13.23 -28.44
CA VAL A 219 -2.33 -12.22 -27.54
C VAL A 219 -1.68 -11.08 -28.32
N THR A 220 -1.19 -11.36 -29.54
CA THR A 220 -0.62 -10.33 -30.42
C THR A 220 -1.71 -9.43 -31.01
N VAL A 221 -2.85 -10.03 -31.38
CA VAL A 221 -3.98 -9.26 -31.86
C VAL A 221 -4.52 -8.33 -30.77
N ALA A 222 -4.57 -8.83 -29.53
CA ALA A 222 -5.06 -8.02 -28.42
C ALA A 222 -4.11 -6.87 -28.11
N ARG A 223 -2.81 -7.15 -28.05
CA ARG A 223 -1.85 -6.09 -27.73
C ARG A 223 -1.91 -4.93 -28.76
N ASP A 224 -1.93 -5.27 -30.06
CA ASP A 224 -2.01 -4.25 -31.13
C ASP A 224 -3.27 -3.37 -30.99
N HIS A 225 -4.39 -4.01 -30.71
CA HIS A 225 -5.63 -3.27 -30.54
C HIS A 225 -5.58 -2.36 -29.30
N ILE A 226 -5.08 -2.89 -28.20
CA ILE A 226 -4.99 -2.10 -26.98
C ILE A 226 -4.18 -0.82 -27.18
N THR A 227 -3.04 -0.95 -27.84
CA THR A 227 -2.18 0.20 -28.11
C THR A 227 -2.92 1.25 -28.94
N THR A 228 -3.72 0.81 -29.91
CA THR A 228 -4.47 1.74 -30.72
C THR A 228 -5.55 2.45 -29.88
N VAL A 229 -6.32 1.66 -29.14
CA VAL A 229 -7.36 2.19 -28.26
C VAL A 229 -6.87 3.23 -27.27
N LEU A 230 -5.76 2.94 -26.60
CA LEU A 230 -5.25 3.88 -25.60
C LEU A 230 -4.77 5.18 -26.27
N SER A 231 -4.17 5.08 -27.47
CA SER A 231 -3.69 6.28 -28.16
C SER A 231 -4.82 7.19 -28.60
N ALA A 232 -5.97 6.61 -28.91
CA ALA A 232 -7.08 7.38 -29.45
C ALA A 232 -7.80 8.19 -28.37
N ILE A 233 -7.48 7.92 -27.12
CA ILE A 233 -8.16 8.59 -26.01
C ILE A 233 -7.65 10.01 -25.71
N GLU A 234 -8.58 10.95 -25.57
CA GLU A 234 -8.27 12.37 -25.37
C GLU A 234 -8.10 12.73 -23.89
N GLY A 235 -7.03 13.43 -23.56
CA GLY A 235 -6.82 13.92 -22.20
C GLY A 235 -5.66 14.89 -22.05
N GLN A 236 -5.37 15.30 -20.81
CA GLN A 236 -4.29 16.25 -20.53
C GLN A 236 -2.97 15.52 -20.42
N GLU A 237 -1.90 16.24 -20.04
CA GLU A 237 -0.56 15.68 -20.04
C GLU A 237 -0.04 15.54 -18.61
N HIS A 238 0.59 14.42 -18.32
CA HIS A 238 1.11 14.15 -16.99
C HIS A 238 2.11 15.17 -16.45
N ARG B 30 14.56 0.30 -21.34
CA ARG B 30 13.17 0.04 -20.94
C ARG B 30 13.09 -0.65 -19.56
N THR B 31 13.82 -1.75 -19.35
CA THR B 31 13.85 -2.35 -18.01
C THR B 31 15.00 -1.81 -17.14
N GLN B 32 14.66 -1.11 -16.08
CA GLN B 32 15.67 -0.63 -15.13
C GLN B 32 15.82 -1.61 -13.97
N ILE B 33 17.04 -2.07 -13.76
CA ILE B 33 17.38 -2.95 -12.64
C ILE B 33 17.80 -2.12 -11.44
N ARG B 34 17.06 -2.26 -10.34
CA ARG B 34 17.30 -1.53 -9.09
C ARG B 34 18.23 -2.30 -8.17
N VAL B 35 18.00 -3.61 -8.10
CA VAL B 35 18.85 -4.52 -7.31
C VAL B 35 19.17 -5.78 -8.08
N TYR B 36 20.44 -6.15 -8.08
CA TYR B 36 20.91 -7.40 -8.70
C TYR B 36 22.03 -8.00 -7.82
N LEU B 37 21.74 -9.10 -7.14
CA LEU B 37 22.67 -9.62 -6.15
C LEU B 37 22.70 -11.15 -5.99
N LEU B 38 23.91 -11.74 -5.99
CA LEU B 38 24.12 -13.11 -5.54
C LEU B 38 24.25 -13.17 -4.03
N VAL B 39 23.35 -13.89 -3.39
CA VAL B 39 23.47 -14.15 -1.96
C VAL B 39 23.98 -15.59 -1.81
N GLU B 40 25.24 -15.72 -1.46
CA GLU B 40 25.84 -17.04 -1.52
C GLU B 40 25.81 -17.67 -0.12
N ASP B 41 25.57 -18.99 -0.10
CA ASP B 41 25.49 -19.76 1.14
C ASP B 41 24.45 -19.26 2.14
N LEU B 42 23.19 -19.62 1.93
CA LEU B 42 22.10 -19.19 2.81
C LEU B 42 22.20 -19.76 4.23
N GLN B 43 22.07 -18.88 5.22
CA GLN B 43 22.00 -19.28 6.62
C GLN B 43 20.58 -19.78 6.92
N ARG B 44 20.45 -20.62 7.94
CA ARG B 44 19.22 -21.40 8.17
C ARG B 44 17.98 -20.61 8.67
N GLN B 45 18.19 -19.57 9.46
CA GLN B 45 17.08 -18.76 9.94
C GLN B 45 16.44 -17.92 8.82
N PHE B 46 17.29 -17.36 7.97
CA PHE B 46 16.85 -16.44 6.92
C PHE B 46 16.09 -17.19 5.84
N ALA B 47 16.41 -18.47 5.69
CA ALA B 47 15.73 -19.30 4.71
C ALA B 47 14.19 -19.43 4.94
N ALA B 48 13.65 -18.75 5.95
CA ALA B 48 12.21 -18.81 6.19
C ALA B 48 11.50 -17.46 6.00
N ALA B 56 2.71 -14.62 -2.48
CA ALA B 56 3.99 -14.10 -2.99
C ALA B 56 5.05 -15.20 -3.12
N ARG B 57 4.88 -16.25 -2.33
CA ARG B 57 5.86 -17.33 -2.15
C ARG B 57 5.70 -18.46 -3.16
N GLY B 58 6.80 -19.11 -3.48
CA GLY B 58 6.79 -20.30 -4.32
C GLY B 58 7.49 -21.42 -3.55
N TYR B 59 8.45 -22.09 -4.17
CA TYR B 59 9.21 -23.14 -3.50
C TYR B 59 10.12 -22.52 -2.44
N PRO B 60 10.22 -23.16 -1.26
CA PRO B 60 11.07 -22.70 -0.15
C PRO B 60 12.56 -23.09 -0.25
N PRO B 61 13.47 -22.11 -0.06
CA PRO B 61 14.90 -22.41 -0.07
C PRO B 61 15.37 -23.17 1.18
N TYR B 62 16.52 -23.82 1.12
CA TYR B 62 17.04 -24.55 2.26
C TYR B 62 18.45 -24.07 2.61
N GLU B 63 18.90 -24.36 3.82
CA GLU B 63 20.22 -23.93 4.29
C GLU B 63 21.32 -24.49 3.39
N GLY B 64 22.24 -23.61 2.98
CA GLY B 64 23.37 -24.02 2.16
C GLY B 64 23.21 -23.83 0.65
N GLU B 65 21.99 -23.53 0.24
CA GLU B 65 21.72 -23.25 -1.15
C GLU B 65 22.07 -21.80 -1.44
N HIS B 66 22.01 -21.41 -2.72
CA HIS B 66 22.42 -20.07 -3.17
C HIS B 66 21.28 -19.30 -3.87
N ALA B 67 21.22 -17.99 -3.74
CA ALA B 67 20.10 -17.27 -4.35
C ALA B 67 20.52 -16.07 -5.21
N LEU B 68 19.68 -15.78 -6.22
CA LEU B 68 19.77 -14.56 -7.00
C LEU B 68 18.55 -13.70 -6.69
N ILE B 69 18.78 -12.44 -6.31
CA ILE B 69 17.67 -11.54 -6.00
C ILE B 69 17.67 -10.36 -6.94
N VAL B 70 16.51 -10.09 -7.52
CA VAL B 70 16.39 -9.02 -8.52
C VAL B 70 15.19 -8.16 -8.22
N GLU B 71 15.40 -6.84 -8.19
CA GLU B 71 14.30 -5.85 -8.11
C GLU B 71 14.33 -4.94 -9.32
N VAL B 72 13.17 -4.73 -9.95
CA VAL B 72 13.11 -3.91 -11.17
C VAL B 72 11.97 -2.89 -11.25
N SER B 73 12.13 -2.00 -12.23
CA SER B 73 11.17 -0.97 -12.59
C SER B 73 11.10 -0.86 -14.11
N PRO B 74 9.90 -0.77 -14.71
CA PRO B 74 8.58 -0.82 -14.08
C PRO B 74 8.23 -2.21 -13.56
N ALA B 75 7.31 -2.29 -12.60
CA ALA B 75 7.08 -3.52 -11.84
C ALA B 75 6.80 -4.71 -12.75
N LEU B 76 5.98 -4.50 -13.77
CA LEU B 76 5.52 -5.63 -14.55
C LEU B 76 6.63 -6.28 -15.38
N ALA B 77 7.78 -5.62 -15.53
CA ALA B 77 8.87 -6.18 -16.32
C ALA B 77 9.44 -7.43 -15.66
N ILE B 78 9.14 -7.61 -14.38
CA ILE B 78 9.65 -8.79 -13.66
C ILE B 78 9.12 -10.10 -14.26
N GLU B 79 7.99 -10.07 -14.97
CA GLU B 79 7.46 -11.25 -15.61
C GLU B 79 8.31 -11.67 -16.81
N ARG B 80 8.94 -10.71 -17.49
CA ARG B 80 9.88 -11.03 -18.57
C ARG B 80 11.19 -11.50 -17.96
N VAL B 81 11.56 -10.92 -16.82
CA VAL B 81 12.78 -11.32 -16.11
C VAL B 81 12.75 -12.77 -15.67
N ILE B 82 11.62 -13.23 -15.10
CA ILE B 82 11.56 -14.61 -14.63
C ILE B 82 11.56 -15.62 -15.79
N ASP B 83 10.87 -15.32 -16.91
CA ASP B 83 10.91 -16.23 -18.05
C ASP B 83 12.36 -16.38 -18.56
N LEU B 84 13.15 -15.30 -18.52
CA LEU B 84 14.52 -15.32 -19.03
C LEU B 84 15.36 -16.30 -18.21
N ALA B 85 15.17 -16.29 -16.89
CA ALA B 85 15.96 -17.12 -15.97
C ALA B 85 15.57 -18.60 -16.05
N LEU B 86 14.26 -18.85 -15.97
CA LEU B 86 13.73 -20.22 -15.94
C LEU B 86 13.92 -20.99 -17.26
N ARG B 87 14.07 -20.30 -18.38
CA ARG B 87 14.19 -21.03 -19.63
C ARG B 87 15.64 -21.29 -19.97
N ALA B 88 16.52 -20.50 -19.36
CA ALA B 88 17.95 -20.70 -19.50
C ALA B 88 18.42 -21.81 -18.59
N VAL B 89 17.92 -21.84 -17.36
CA VAL B 89 18.36 -22.84 -16.40
C VAL B 89 17.20 -23.55 -15.68
N PRO B 90 16.66 -24.63 -16.27
CA PRO B 90 15.49 -25.34 -15.73
C PRO B 90 15.64 -25.83 -14.28
N GLY B 91 16.91 -26.06 -13.89
CA GLY B 91 17.23 -26.52 -12.55
C GLY B 91 17.12 -25.50 -11.43
N VAL B 92 16.83 -24.22 -11.72
CA VAL B 92 16.60 -23.27 -10.63
C VAL B 92 15.09 -23.16 -10.35
N GLN B 93 14.76 -22.76 -9.13
CA GLN B 93 13.39 -22.69 -8.67
C GLN B 93 13.03 -21.30 -8.21
N PRO B 94 11.81 -20.83 -8.57
CA PRO B 94 11.35 -19.53 -8.08
C PRO B 94 10.84 -19.61 -6.63
N GLY B 95 11.35 -18.75 -5.76
CA GLY B 95 10.91 -18.67 -4.37
C GLY B 95 10.04 -17.47 -4.06
N ILE B 96 10.32 -16.36 -4.76
CA ILE B 96 9.50 -15.15 -4.65
C ILE B 96 9.25 -14.55 -6.01
N LEU B 97 7.97 -14.24 -6.29
CA LEU B 97 7.59 -13.48 -7.48
C LEU B 97 6.42 -12.57 -7.13
N TYR B 98 6.64 -11.25 -7.11
CA TYR B 98 5.59 -10.32 -6.68
C TYR B 98 5.66 -8.95 -7.36
N VAL B 99 4.49 -8.45 -7.75
CA VAL B 99 4.39 -7.12 -8.34
C VAL B 99 3.72 -6.20 -7.34
N GLU B 100 4.54 -5.28 -6.82
CA GLU B 100 4.23 -4.42 -5.67
C GLU B 100 3.61 -3.13 -6.21
N ARG B 101 3.33 -2.15 -5.34
CA ARG B 101 2.82 -0.84 -5.80
C ARG B 101 3.69 -0.16 -6.88
N GLN B 102 5.03 -0.20 -6.73
CA GLN B 102 5.95 0.46 -7.69
C GLN B 102 6.93 -0.48 -8.41
N PHE B 103 7.40 -1.50 -7.69
CA PHE B 103 8.50 -2.32 -8.20
C PHE B 103 8.16 -3.81 -8.34
N GLY B 104 8.94 -4.52 -9.16
CA GLY B 104 8.79 -5.96 -9.31
C GLY B 104 9.95 -6.71 -8.67
N VAL B 105 9.64 -7.82 -8.00
CA VAL B 105 10.64 -8.51 -7.18
C VAL B 105 10.76 -10.00 -7.56
N LEU B 106 11.98 -10.50 -7.60
CA LEU B 106 12.18 -11.92 -7.87
C LEU B 106 13.30 -12.54 -7.03
N GLU B 107 13.04 -13.73 -6.50
CA GLU B 107 14.09 -14.57 -5.93
C GLU B 107 14.05 -15.97 -6.58
N ILE B 108 15.22 -16.40 -7.03
CA ILE B 108 15.40 -17.77 -7.48
C ILE B 108 16.58 -18.38 -6.73
N HIS B 109 16.56 -19.71 -6.59
CA HIS B 109 17.59 -20.40 -5.84
C HIS B 109 17.90 -21.78 -6.39
N SER B 110 19.07 -22.30 -6.01
CA SER B 110 19.58 -23.62 -6.38
C SER B 110 20.66 -24.11 -5.43
N ALA B 111 20.95 -25.41 -5.48
CA ALA B 111 22.09 -25.97 -4.76
C ALA B 111 23.42 -25.60 -5.47
N SER B 112 23.37 -25.40 -6.78
CA SER B 112 24.56 -25.09 -7.57
C SER B 112 24.76 -23.57 -7.78
N LEU B 113 25.88 -23.05 -7.30
CA LEU B 113 26.20 -21.63 -7.46
C LEU B 113 26.36 -21.29 -8.95
N ASP B 114 26.80 -22.27 -9.72
CA ASP B 114 27.05 -22.11 -11.14
C ASP B 114 25.72 -21.85 -11.84
N GLU B 115 24.67 -22.52 -11.39
CA GLU B 115 23.34 -22.41 -11.98
C GLU B 115 22.70 -21.03 -11.77
N VAL B 116 22.85 -20.48 -10.58
CA VAL B 116 22.31 -19.18 -10.24
C VAL B 116 23.01 -18.04 -11.02
N ARG B 117 24.34 -18.08 -11.07
CA ARG B 117 25.11 -17.15 -11.87
C ARG B 117 24.64 -17.15 -13.31
N ARG B 118 24.43 -18.34 -13.85
CA ARG B 118 24.04 -18.51 -15.25
C ARG B 118 22.64 -17.92 -15.48
N ALA B 119 21.75 -18.05 -14.49
CA ALA B 119 20.43 -17.43 -14.60
C ALA B 119 20.53 -15.92 -14.53
N GLY B 120 21.43 -15.44 -13.67
CA GLY B 120 21.65 -14.01 -13.57
C GLY B 120 22.16 -13.47 -14.89
N GLU B 121 23.06 -14.22 -15.52
CA GLU B 121 23.63 -13.77 -16.78
C GLU B 121 22.59 -13.70 -17.90
N ALA B 122 21.64 -14.65 -17.93
CA ALA B 122 20.56 -14.64 -18.96
C ALA B 122 19.66 -13.40 -18.82
N ILE B 123 19.46 -12.98 -17.58
CA ILE B 123 18.66 -11.81 -17.29
C ILE B 123 19.37 -10.55 -17.78
N LEU B 124 20.66 -10.46 -17.46
CA LEU B 124 21.44 -9.29 -17.87
C LEU B 124 21.49 -9.20 -19.40
N ALA B 125 21.73 -10.34 -20.07
CA ALA B 125 21.81 -10.40 -21.53
C ALA B 125 20.46 -10.07 -22.18
N GLY B 126 19.39 -10.66 -21.67
CA GLY B 126 18.10 -10.43 -22.28
C GLY B 126 17.51 -9.05 -22.08
N THR B 127 18.05 -8.26 -21.14
CA THR B 127 17.52 -6.93 -20.89
C THR B 127 18.50 -5.81 -21.21
N GLY B 128 19.71 -6.19 -21.63
CA GLY B 128 20.77 -5.26 -21.97
C GLY B 128 21.24 -4.42 -20.79
N ASN B 129 21.25 -4.99 -19.59
CA ASN B 129 21.73 -4.28 -18.41
C ASN B 129 23.04 -4.82 -17.91
N ARG B 130 23.67 -4.08 -17.01
CA ARG B 130 24.89 -4.55 -16.38
C ARG B 130 24.73 -4.63 -14.88
N ALA B 131 25.56 -5.45 -14.23
CA ALA B 131 25.34 -5.74 -12.82
C ALA B 131 25.57 -4.46 -11.99
N GLU B 132 26.52 -3.63 -12.42
CA GLU B 132 26.90 -2.47 -11.63
C GLU B 132 26.04 -1.24 -11.92
N ASP B 133 25.00 -1.42 -12.75
CA ASP B 133 24.01 -0.37 -13.03
C ASP B 133 22.84 -0.36 -12.03
N GLN B 134 22.85 -1.30 -11.10
CA GLN B 134 21.87 -1.32 -10.02
C GLN B 134 22.01 -0.06 -9.13
N LEU B 135 21.04 0.21 -8.28
CA LEU B 135 21.16 1.29 -7.30
C LEU B 135 22.06 0.87 -6.14
N ARG B 136 22.88 1.81 -5.65
CA ARG B 136 23.74 1.59 -4.49
C ARG B 136 22.86 1.58 -3.23
N PRO B 137 23.19 0.73 -2.23
CA PRO B 137 22.35 0.75 -1.02
C PRO B 137 22.40 2.09 -0.28
N ARG B 138 21.24 2.61 0.09
CA ARG B 138 21.17 3.83 0.90
C ARG B 138 20.59 3.55 2.29
N VAL B 139 21.40 3.83 3.30
CA VAL B 139 21.01 3.62 4.69
C VAL B 139 20.02 4.70 5.17
N LEU B 140 18.86 4.29 5.65
CA LEU B 140 17.83 5.22 6.11
C LEU B 140 17.78 5.39 7.64
N PHE B 141 18.04 4.31 8.37
CA PHE B 141 18.00 4.31 9.84
C PHE B 141 18.56 3.02 10.42
N HIS B 142 19.22 3.16 11.57
CA HIS B 142 19.62 2.02 12.41
C HIS B 142 19.75 2.45 13.88
N ASP B 143 19.46 1.52 14.78
CA ASP B 143 19.60 1.79 16.21
C ASP B 143 19.52 0.52 17.04
N ILE B 144 20.06 0.60 18.25
CA ILE B 144 20.05 -0.51 19.17
C ILE B 144 19.32 -0.16 20.46
N ILE B 145 18.18 -0.82 20.66
CA ILE B 145 17.41 -0.64 21.88
C ILE B 145 17.83 -1.74 22.86
N THR B 146 18.53 -1.34 23.92
CA THR B 146 18.97 -2.33 24.88
C THR B 146 17.86 -2.60 25.90
N ASP B 147 17.76 -3.86 26.32
CA ASP B 147 16.82 -4.29 27.36
C ASP B 147 15.39 -3.82 27.09
N ILE B 148 14.76 -4.40 26.07
CA ILE B 148 13.43 -4.01 25.62
C ILE B 148 12.42 -4.29 26.73
N THR B 149 11.50 -3.36 26.97
CA THR B 149 10.52 -3.52 28.03
C THR B 149 9.52 -4.61 27.65
N ASP B 150 8.90 -5.23 28.64
CA ASP B 150 8.02 -6.36 28.36
C ASP B 150 6.77 -5.92 27.58
N GLN B 151 6.28 -4.71 27.82
CA GLN B 151 5.12 -4.22 27.10
C GLN B 151 5.47 -3.93 25.65
N HIS B 152 6.69 -3.48 25.44
CA HIS B 152 7.17 -3.27 24.09
C HIS B 152 7.33 -4.62 23.38
N ALA B 153 7.89 -5.60 24.09
CA ALA B 153 8.14 -6.90 23.49
C ALA B 153 6.86 -7.63 23.06
N VAL B 154 5.82 -7.56 23.88
CA VAL B 154 4.61 -8.32 23.59
C VAL B 154 3.87 -7.78 22.37
N ILE B 155 3.78 -6.45 22.25
CA ILE B 155 3.08 -5.85 21.12
C ILE B 155 3.91 -5.96 19.85
N LEU B 156 5.23 -6.06 20.02
CA LEU B 156 6.10 -6.20 18.87
C LEU B 156 5.79 -7.54 18.22
N ASN B 157 5.58 -8.52 19.06
CA ASN B 157 5.42 -9.87 18.58
C ASN B 157 4.13 -10.18 17.80
N ARG B 158 3.07 -9.40 17.91
CA ARG B 158 1.85 -9.86 17.26
C ARG B 158 1.59 -9.36 15.85
N ASN B 159 2.31 -8.33 15.36
CA ASN B 159 2.22 -8.11 13.93
C ASN B 159 3.68 -8.17 13.42
N ARG B 160 4.37 -9.12 14.04
CA ARG B 160 5.40 -9.90 13.35
C ARG B 160 4.77 -11.29 13.32
N GLN B 161 5.50 -12.26 12.82
CA GLN B 161 5.21 -13.66 13.08
C GLN B 161 6.55 -14.36 13.01
N ALA B 162 6.53 -15.67 12.75
CA ALA B 162 7.74 -16.48 12.77
C ALA B 162 8.41 -16.34 14.13
N SER B 163 9.67 -15.95 14.16
CA SER B 163 10.36 -15.85 15.45
C SER B 163 9.89 -14.69 16.32
N MET B 164 10.23 -14.78 17.60
CA MET B 164 9.83 -13.80 18.60
C MET B 164 10.99 -13.34 19.48
N ILE B 165 10.87 -12.14 20.02
CA ILE B 165 11.85 -11.61 20.96
C ILE B 165 11.31 -11.66 22.38
N LEU B 166 12.15 -12.05 23.33
CA LEU B 166 11.72 -12.15 24.73
C LEU B 166 12.14 -10.94 25.53
N PRO B 167 11.33 -10.56 26.53
CA PRO B 167 11.64 -9.39 27.36
C PRO B 167 13.01 -9.51 28.01
N GLY B 168 13.78 -8.44 27.93
CA GLY B 168 15.12 -8.43 28.48
C GLY B 168 16.20 -8.48 27.41
N GLN B 169 15.85 -9.01 26.24
CA GLN B 169 16.79 -9.09 25.13
C GLN B 169 17.03 -7.72 24.48
N SER B 170 18.15 -7.60 23.77
CA SER B 170 18.46 -6.36 23.06
C SER B 170 18.02 -6.40 21.59
N LEU B 171 17.53 -5.25 21.11
CA LEU B 171 16.97 -5.18 19.77
C LEU B 171 17.70 -4.19 18.87
N LEU B 172 18.12 -4.71 17.72
CA LEU B 172 18.68 -3.95 16.62
C LEU B 172 17.65 -3.77 15.49
N VAL B 173 17.43 -2.52 15.08
CA VAL B 173 16.58 -2.20 13.93
C VAL B 173 17.44 -1.54 12.83
N TYR B 174 17.17 -1.88 11.57
CA TYR B 174 17.94 -1.36 10.41
C TYR B 174 17.06 -1.15 9.14
N GLU B 175 17.06 0.07 8.59
CA GLU B 175 16.23 0.40 7.41
C GLU B 175 17.08 0.87 6.24
N MET B 176 16.75 0.40 5.04
CA MET B 176 17.50 0.70 3.85
C MET B 176 16.56 0.77 2.63
N THR B 177 17.07 1.31 1.54
CA THR B 177 16.37 1.32 0.27
C THR B 177 17.42 1.39 -0.85
N PRO B 178 17.20 0.65 -1.95
CA PRO B 178 16.05 -0.22 -2.20
C PRO B 178 15.84 -1.36 -1.20
N ALA B 179 14.57 -1.71 -1.03
CA ALA B 179 14.10 -2.65 -0.02
C ALA B 179 14.74 -4.03 -0.10
N LEU B 180 15.06 -4.50 -1.31
CA LEU B 180 15.46 -5.90 -1.49
C LEU B 180 16.84 -6.15 -0.90
N PHE B 181 17.57 -5.08 -0.62
CA PHE B 181 18.88 -5.18 0.02
C PHE B 181 18.80 -5.67 1.46
N ALA B 182 17.61 -5.65 2.06
CA ALA B 182 17.42 -6.14 3.42
C ALA B 182 17.80 -7.61 3.46
N ALA B 183 17.60 -8.26 2.32
CA ALA B 183 17.89 -9.68 2.17
C ALA B 183 19.35 -10.02 2.44
N VAL B 184 20.27 -9.32 1.80
CA VAL B 184 21.67 -9.68 1.95
C VAL B 184 22.16 -9.29 3.35
N ALA B 185 21.64 -8.19 3.90
CA ALA B 185 22.00 -7.76 5.26
C ALA B 185 21.57 -8.79 6.31
N ALA B 186 20.39 -9.37 6.14
CA ALA B 186 19.91 -10.38 7.09
C ALA B 186 20.82 -11.59 7.07
N ASN B 187 21.12 -12.06 5.86
CA ASN B 187 21.94 -13.25 5.73
C ASN B 187 23.35 -13.08 6.28
N GLU B 188 23.93 -11.91 6.07
CA GLU B 188 25.29 -11.63 6.54
C GLU B 188 25.33 -11.47 8.05
N ALA B 189 24.32 -10.79 8.60
CA ALA B 189 24.23 -10.60 10.04
C ALA B 189 24.18 -11.95 10.77
N GLU B 190 23.39 -12.89 10.26
CA GLU B 190 23.27 -14.20 10.91
C GLU B 190 24.57 -14.99 10.80
N ARG B 191 25.30 -14.74 9.72
CA ARG B 191 26.53 -15.45 9.44
C ARG B 191 27.58 -15.18 10.52
N VAL B 192 27.69 -13.94 10.95
CA VAL B 192 28.76 -13.53 11.87
C VAL B 192 28.34 -13.57 13.32
N ALA B 193 27.05 -13.78 13.56
CA ALA B 193 26.54 -13.86 14.91
C ALA B 193 25.43 -14.89 14.97
N PRO B 194 25.79 -16.18 14.80
CA PRO B 194 24.80 -17.25 14.59
C PRO B 194 23.84 -17.45 15.77
N GLY B 195 24.20 -16.96 16.95
CA GLY B 195 23.35 -17.08 18.12
C GLY B 195 22.16 -16.13 18.13
N LEU B 196 22.13 -15.20 17.18
CA LEU B 196 21.10 -14.18 17.18
C LEU B 196 19.73 -14.73 16.78
N THR B 197 18.71 -13.89 16.94
CA THR B 197 17.35 -14.25 16.60
C THR B 197 16.82 -13.32 15.51
N VAL B 198 16.50 -13.90 14.36
CA VAL B 198 15.88 -13.14 13.28
C VAL B 198 14.41 -13.00 13.57
N VAL B 199 14.00 -11.81 13.99
CA VAL B 199 12.61 -11.56 14.40
C VAL B 199 11.72 -11.30 13.18
N ASP B 200 12.21 -10.50 12.23
CA ASP B 200 11.47 -10.17 11.02
C ASP B 200 12.37 -9.55 9.94
N VAL B 201 12.05 -9.82 8.67
CA VAL B 201 12.74 -9.23 7.50
C VAL B 201 11.73 -8.79 6.41
N GLN B 202 11.60 -7.48 6.20
CA GLN B 202 10.71 -6.97 5.15
C GLN B 202 11.54 -6.56 3.93
N MET B 203 11.44 -7.32 2.84
CA MET B 203 12.25 -7.07 1.64
C MET B 203 11.46 -6.43 0.49
N ILE B 204 10.16 -6.22 0.68
CA ILE B 204 9.33 -5.73 -0.40
C ILE B 204 8.66 -4.44 0.03
N GLY B 205 8.77 -3.41 -0.80
CA GLY B 205 8.18 -2.12 -0.50
C GLY B 205 9.08 -0.98 -0.92
N ALA B 206 8.80 0.22 -0.38
CA ALA B 206 9.64 1.37 -0.65
C ALA B 206 10.96 1.31 0.11
N ALA B 207 10.95 0.67 1.27
CA ALA B 207 12.13 0.51 2.11
C ALA B 207 12.17 -0.88 2.77
N GLY B 208 13.38 -1.41 2.95
CA GLY B 208 13.55 -2.70 3.61
C GLY B 208 13.77 -2.52 5.10
N ARG B 209 13.27 -3.46 5.90
CA ARG B 209 13.39 -3.38 7.35
C ARG B 209 13.85 -4.66 8.00
N LEU B 210 14.79 -4.51 8.92
CA LEU B 210 15.39 -5.65 9.59
C LEU B 210 15.24 -5.53 11.11
N TYR B 211 14.76 -6.61 11.72
CA TYR B 211 14.63 -6.72 13.17
C TYR B 211 15.47 -7.88 13.72
N ILE B 212 16.44 -7.60 14.58
CA ILE B 212 17.29 -8.64 15.14
C ILE B 212 17.38 -8.56 16.68
N GLY B 213 17.17 -9.69 17.35
CA GLY B 213 17.24 -9.77 18.80
C GLY B 213 18.39 -10.66 19.26
N GLY B 214 18.95 -10.34 20.42
CA GLY B 214 20.05 -11.10 20.98
C GLY B 214 20.64 -10.38 22.17
N SER B 215 21.88 -10.71 22.51
CA SER B 215 22.61 -9.96 23.54
C SER B 215 23.07 -8.65 22.93
N THR B 216 23.45 -7.69 23.76
CA THR B 216 23.89 -6.37 23.28
C THR B 216 25.16 -6.44 22.42
N ASP B 217 26.01 -7.44 22.62
CA ASP B 217 27.23 -7.52 21.82
C ASP B 217 26.99 -8.29 20.48
N GLU B 218 26.12 -9.30 20.50
CA GLU B 218 25.72 -10.00 19.28
C GLU B 218 25.09 -9.01 18.30
N VAL B 219 24.26 -8.12 18.80
CA VAL B 219 23.55 -7.19 17.93
C VAL B 219 24.49 -6.06 17.47
N THR B 220 25.49 -5.74 18.29
CA THR B 220 26.48 -4.73 17.89
C THR B 220 27.42 -5.28 16.82
N VAL B 221 27.82 -6.54 16.97
CA VAL B 221 28.67 -7.20 15.98
C VAL B 221 27.94 -7.27 14.66
N ALA B 222 26.64 -7.56 14.73
CA ALA B 222 25.81 -7.65 13.53
C ALA B 222 25.66 -6.28 12.87
N ARG B 223 25.36 -5.25 13.64
CA ARG B 223 25.18 -3.91 13.09
C ARG B 223 26.43 -3.36 12.40
N ASP B 224 27.58 -3.50 13.05
CA ASP B 224 28.85 -3.02 12.48
C ASP B 224 29.14 -3.68 11.13
N HIS B 225 28.94 -5.00 11.10
CA HIS B 225 29.23 -5.80 9.92
C HIS B 225 28.30 -5.45 8.75
N ILE B 226 27.01 -5.27 9.05
CA ILE B 226 26.02 -4.90 8.02
C ILE B 226 26.41 -3.61 7.32
N THR B 227 26.82 -2.61 8.10
CA THR B 227 27.24 -1.31 7.58
C THR B 227 28.40 -1.45 6.59
N THR B 228 29.34 -2.33 6.93
CA THR B 228 30.49 -2.60 6.10
C THR B 228 30.08 -3.21 4.79
N VAL B 229 29.27 -4.26 4.87
CA VAL B 229 28.78 -5.00 3.71
C VAL B 229 28.07 -4.12 2.68
N LEU B 230 27.19 -3.25 3.18
CA LEU B 230 26.39 -2.36 2.33
C LEU B 230 27.22 -1.27 1.65
N SER B 231 28.20 -0.73 2.37
CA SER B 231 29.09 0.31 1.82
C SER B 231 29.97 -0.23 0.69
N ALA B 232 30.30 -1.51 0.80
CA ALA B 232 31.16 -2.19 -0.16
C ALA B 232 30.40 -2.65 -1.40
N ILE B 233 29.07 -2.55 -1.37
CA ILE B 233 28.27 -2.95 -2.52
C ILE B 233 28.28 -1.82 -3.54
N GLU B 234 28.61 -2.18 -4.79
CA GLU B 234 28.76 -1.22 -5.87
C GLU B 234 27.47 -0.96 -6.67
N GLY B 235 27.16 0.31 -6.88
CA GLY B 235 26.05 0.68 -7.73
C GLY B 235 26.01 2.18 -8.01
N GLN B 236 25.00 2.62 -8.75
CA GLN B 236 24.86 4.02 -9.11
C GLN B 236 24.17 4.84 -8.01
N GLU B 237 23.90 6.10 -8.31
CA GLU B 237 23.36 7.02 -7.33
C GLU B 237 21.91 7.33 -7.63
N HIS B 238 21.11 7.35 -6.57
CA HIS B 238 19.68 7.64 -6.65
C HIS B 238 19.36 8.96 -7.35
N ARG C 30 17.62 13.73 12.81
CA ARG C 30 17.64 12.32 12.45
C ARG C 30 16.23 11.73 12.42
N THR C 31 15.52 11.80 13.53
CA THR C 31 14.12 11.42 13.56
C THR C 31 13.27 12.67 13.34
N GLN C 32 12.55 12.71 12.22
CA GLN C 32 11.67 13.84 11.97
C GLN C 32 10.27 13.55 12.52
N ILE C 33 9.76 14.47 13.34
CA ILE C 33 8.42 14.31 13.86
C ILE C 33 7.41 15.02 12.96
N ARG C 34 6.45 14.25 12.43
CA ARG C 34 5.37 14.75 11.58
C ARG C 34 4.12 15.10 12.40
N VAL C 35 3.77 14.27 13.38
CA VAL C 35 2.66 14.55 14.28
C VAL C 35 3.05 14.24 15.72
N TYR C 36 2.77 15.21 16.60
CA TYR C 36 3.00 15.11 18.03
C TYR C 36 1.84 15.84 18.71
N LEU C 37 0.99 15.09 19.38
CA LEU C 37 -0.20 15.69 19.93
C LEU C 37 -0.66 15.04 21.22
N LEU C 38 -0.98 15.87 22.21
CA LEU C 38 -1.70 15.40 23.38
C LEU C 38 -3.19 15.42 23.05
N VAL C 39 -3.83 14.24 23.01
CA VAL C 39 -5.28 14.20 22.83
C VAL C 39 -5.93 13.86 24.17
N GLU C 40 -6.47 14.86 24.85
CA GLU C 40 -6.90 14.62 26.22
C GLU C 40 -8.41 14.42 26.30
N ASP C 41 -8.80 13.57 27.25
CA ASP C 41 -10.18 13.15 27.52
C ASP C 41 -10.84 12.48 26.32
N LEU C 42 -10.51 11.21 26.13
CA LEU C 42 -11.02 10.41 25.02
C LEU C 42 -12.52 10.17 25.13
N GLN C 43 -13.24 10.43 24.04
CA GLN C 43 -14.66 10.12 23.97
C GLN C 43 -14.86 8.62 23.68
N ARG C 44 -16.01 8.07 24.07
CA ARG C 44 -16.16 6.61 24.08
C ARG C 44 -16.22 5.92 22.70
N GLN C 45 -16.77 6.57 21.67
CA GLN C 45 -16.81 5.98 20.32
C GLN C 45 -15.42 5.87 19.73
N PHE C 46 -14.62 6.91 19.91
CA PHE C 46 -13.29 6.95 19.35
C PHE C 46 -12.36 6.06 20.17
N ALA C 47 -12.62 6.01 21.47
CA ALA C 47 -11.81 5.25 22.41
C ALA C 47 -11.86 3.77 22.10
N ALA C 48 -13.01 3.31 21.63
CA ALA C 48 -13.21 1.89 21.38
C ALA C 48 -12.69 1.65 19.99
N TYR C 49 -12.82 2.67 19.16
CA TYR C 49 -12.38 2.58 17.79
C TYR C 49 -10.91 2.21 17.70
N LEU C 50 -10.10 2.79 18.59
CA LEU C 50 -8.67 2.49 18.65
C LEU C 50 -8.44 1.01 18.96
N ARG C 57 -2.39 -3.34 16.40
CA ARG C 57 -3.01 -2.84 17.63
C ARG C 57 -2.52 -3.55 18.91
N GLY C 58 -2.53 -2.84 20.05
CA GLY C 58 -2.18 -3.40 21.35
C GLY C 58 -3.26 -3.24 22.44
N TYR C 59 -2.91 -2.70 23.60
CA TYR C 59 -3.91 -2.50 24.66
C TYR C 59 -4.93 -1.41 24.28
N PRO C 60 -6.22 -1.67 24.56
CA PRO C 60 -7.32 -0.75 24.27
C PRO C 60 -7.51 0.35 25.31
N PRO C 61 -7.64 1.60 24.85
CA PRO C 61 -7.93 2.73 25.75
C PRO C 61 -9.39 2.72 26.21
N TYR C 62 -9.70 3.44 27.28
CA TYR C 62 -11.08 3.54 27.75
C TYR C 62 -11.52 4.99 27.82
N GLU C 63 -12.83 5.21 27.85
CA GLU C 63 -13.38 6.55 27.90
C GLU C 63 -12.81 7.29 29.10
N GLY C 64 -12.37 8.53 28.88
CA GLY C 64 -11.88 9.39 29.94
C GLY C 64 -10.37 9.39 30.13
N GLU C 65 -9.69 8.43 29.51
CA GLU C 65 -8.23 8.36 29.62
C GLU C 65 -7.59 9.32 28.60
N HIS C 66 -6.27 9.45 28.64
CA HIS C 66 -5.59 10.39 27.77
C HIS C 66 -4.55 9.67 26.93
N ALA C 67 -4.33 10.15 25.71
CA ALA C 67 -3.39 9.50 24.80
C ALA C 67 -2.39 10.50 24.21
N LEU C 68 -1.19 10.00 23.90
CA LEU C 68 -0.21 10.76 23.12
C LEU C 68 -0.04 10.13 21.77
N ILE C 69 -0.17 10.92 20.71
CA ILE C 69 -0.06 10.38 19.35
C ILE C 69 1.16 10.96 18.62
N VAL C 70 1.94 10.05 18.03
CA VAL C 70 3.16 10.42 17.33
C VAL C 70 3.30 9.72 15.96
N GLU C 71 3.52 10.53 14.92
CA GLU C 71 3.84 10.01 13.60
C GLU C 71 5.26 10.48 13.25
N VAL C 72 6.12 9.56 12.82
CA VAL C 72 7.50 9.95 12.55
C VAL C 72 8.00 9.44 11.22
N SER C 73 9.13 10.00 10.81
CA SER C 73 9.85 9.63 9.60
C SER C 73 11.36 9.66 9.89
N PRO C 74 12.11 8.64 9.46
CA PRO C 74 11.70 7.43 8.76
C PRO C 74 10.95 6.45 9.65
N ALA C 75 10.22 5.52 9.03
CA ALA C 75 9.28 4.67 9.72
C ALA C 75 9.86 3.88 10.90
N LEU C 76 11.03 3.27 10.71
CA LEU C 76 11.59 2.36 11.71
C LEU C 76 12.07 3.08 12.96
N ALA C 77 12.15 4.42 12.90
CA ALA C 77 12.58 5.23 14.03
C ALA C 77 11.57 5.17 15.19
N ILE C 78 10.35 4.75 14.86
CA ILE C 78 9.27 4.67 15.83
C ILE C 78 9.55 3.65 16.94
N GLU C 79 10.44 2.69 16.66
CA GLU C 79 10.80 1.69 17.66
C GLU C 79 11.63 2.29 18.77
N ARG C 80 12.42 3.30 18.42
CA ARG C 80 13.21 4.00 19.41
C ARG C 80 12.30 4.93 20.16
N VAL C 81 11.34 5.48 19.44
CA VAL C 81 10.41 6.43 20.02
C VAL C 81 9.58 5.81 21.15
N ILE C 82 9.08 4.60 20.93
CA ILE C 82 8.26 3.96 21.94
C ILE C 82 9.12 3.50 23.11
N ASP C 83 10.35 3.06 22.84
CA ASP C 83 11.25 2.64 23.91
C ASP C 83 11.54 3.82 24.82
N LEU C 84 11.60 5.02 24.23
CA LEU C 84 11.89 6.23 24.97
C LEU C 84 10.76 6.52 25.96
N ALA C 85 9.53 6.30 25.52
CA ALA C 85 8.37 6.59 26.34
C ALA C 85 8.14 5.54 27.44
N LEU C 86 8.15 4.24 27.08
CA LEU C 86 7.79 3.19 28.05
C LEU C 86 8.75 3.00 29.22
N ARG C 87 10.02 3.36 29.06
CA ARG C 87 10.92 3.15 30.17
C ARG C 87 11.12 4.46 30.95
N ALA C 88 10.68 5.58 30.36
CA ALA C 88 10.69 6.84 31.09
C ALA C 88 9.49 6.85 32.03
N VAL C 89 8.33 6.47 31.51
CA VAL C 89 7.11 6.41 32.31
C VAL C 89 6.44 5.06 32.12
N PRO C 90 6.86 4.06 32.89
CA PRO C 90 6.38 2.67 32.77
C PRO C 90 4.87 2.48 32.91
N GLY C 91 4.20 3.43 33.57
CA GLY C 91 2.76 3.33 33.83
C GLY C 91 1.86 3.56 32.64
N VAL C 92 2.43 3.93 31.50
CA VAL C 92 1.64 4.10 30.29
C VAL C 92 1.63 2.80 29.51
N GLN C 93 0.62 2.65 28.66
CA GLN C 93 0.43 1.44 27.87
C GLN C 93 0.35 1.80 26.40
N PRO C 94 1.04 1.02 25.57
CA PRO C 94 0.98 1.22 24.13
C PRO C 94 -0.31 0.68 23.54
N GLY C 95 -1.01 1.51 22.76
CA GLY C 95 -2.24 1.09 22.08
C GLY C 95 -2.08 0.84 20.59
N ILE C 96 -1.17 1.57 19.94
CA ILE C 96 -0.88 1.38 18.51
C ILE C 96 0.62 1.45 18.23
N LEU C 97 1.12 0.47 17.48
CA LEU C 97 2.50 0.48 17.00
C LEU C 97 2.56 -0.14 15.62
N TYR C 98 2.88 0.69 14.63
CA TYR C 98 2.87 0.19 13.28
C TYR C 98 3.88 0.88 12.33
N VAL C 99 4.54 0.07 11.52
CA VAL C 99 5.46 0.54 10.48
C VAL C 99 4.84 0.34 9.09
N GLU C 100 4.49 1.47 8.50
CA GLU C 100 3.70 1.59 7.28
C GLU C 100 4.66 1.68 6.08
N ARG C 101 4.13 1.95 4.90
CA ARG C 101 4.93 2.09 3.69
C ARG C 101 6.05 3.14 3.81
N GLN C 102 5.72 4.30 4.39
CA GLN C 102 6.66 5.44 4.53
C GLN C 102 6.88 5.89 5.99
N PHE C 103 5.82 5.81 6.80
CA PHE C 103 5.81 6.43 8.13
C PHE C 103 5.59 5.46 9.28
N GLY C 104 5.98 5.89 10.48
CA GLY C 104 5.78 5.11 11.69
C GLY C 104 4.80 5.72 12.69
N VAL C 105 3.96 4.88 13.27
CA VAL C 105 2.87 5.41 14.11
C VAL C 105 2.91 4.82 15.51
N LEU C 106 2.67 5.68 16.50
CA LEU C 106 2.62 5.25 17.89
C LEU C 106 1.47 5.94 18.63
N GLU C 107 0.75 5.17 19.43
CA GLU C 107 -0.20 5.74 20.38
C GLU C 107 0.08 5.16 21.76
N ILE C 108 0.23 6.01 22.77
CA ILE C 108 0.29 5.52 24.16
C ILE C 108 -0.78 6.21 25.01
N HIS C 109 -1.22 5.53 26.06
CA HIS C 109 -2.31 6.08 26.87
C HIS C 109 -2.21 5.69 28.35
N SER C 110 -2.88 6.47 29.19
CA SER C 110 -2.95 6.23 30.63
C SER C 110 -4.12 7.02 31.22
N ALA C 111 -4.50 6.66 32.45
CA ALA C 111 -5.53 7.41 33.16
C ALA C 111 -5.01 8.78 33.63
N SER C 112 -3.70 8.88 33.84
CA SER C 112 -3.07 10.13 34.30
C SER C 112 -2.54 11.00 33.16
N LEU C 113 -3.05 12.22 33.05
CA LEU C 113 -2.62 13.16 32.04
C LEU C 113 -1.14 13.47 32.22
N ASP C 114 -0.67 13.43 33.47
CA ASP C 114 0.72 13.74 33.74
C ASP C 114 1.66 12.66 33.22
N GLU C 115 1.25 11.39 33.34
CA GLU C 115 2.10 10.28 32.89
C GLU C 115 2.27 10.31 31.38
N VAL C 116 1.20 10.65 30.67
CA VAL C 116 1.22 10.73 29.22
C VAL C 116 2.08 11.92 28.74
N ARG C 117 1.86 13.10 29.34
CA ARG C 117 2.67 14.30 29.06
C ARG C 117 4.17 14.07 29.28
N ARG C 118 4.51 13.47 30.43
CA ARG C 118 5.89 13.18 30.80
C ARG C 118 6.55 12.15 29.89
N ALA C 119 5.75 11.20 29.37
CA ALA C 119 6.24 10.22 28.41
C ALA C 119 6.59 10.89 27.09
N GLY C 120 5.75 11.86 26.73
CA GLY C 120 5.96 12.66 25.53
C GLY C 120 7.21 13.50 25.58
N GLU C 121 7.50 14.04 26.76
CA GLU C 121 8.67 14.89 26.96
C GLU C 121 9.92 14.05 26.77
N ALA C 122 9.87 12.80 27.21
CA ALA C 122 10.97 11.86 27.04
C ALA C 122 11.23 11.59 25.57
N ILE C 123 10.14 11.50 24.80
CA ILE C 123 10.23 11.28 23.37
C ILE C 123 10.87 12.49 22.71
N LEU C 124 10.45 13.69 23.11
CA LEU C 124 11.02 14.92 22.56
C LEU C 124 12.52 15.10 22.85
N ALA C 125 12.94 14.85 24.09
CA ALA C 125 14.35 15.00 24.45
C ALA C 125 15.28 13.98 23.75
N GLY C 126 14.84 12.73 23.68
CA GLY C 126 15.62 11.66 23.08
C GLY C 126 15.75 11.69 21.57
N THR C 127 14.98 12.56 20.92
CA THR C 127 15.03 12.69 19.47
C THR C 127 15.49 14.08 19.05
N GLY C 128 15.73 14.94 20.05
CA GLY C 128 16.14 16.32 19.83
C GLY C 128 15.11 17.19 19.14
N ASN C 129 13.84 16.94 19.43
CA ASN C 129 12.77 17.74 18.86
C ASN C 129 11.97 18.48 19.92
N ARG C 130 11.15 19.43 19.47
CA ARG C 130 10.13 20.03 20.33
C ARG C 130 8.79 19.96 19.61
N ALA C 131 7.71 20.22 20.35
CA ALA C 131 6.37 19.89 19.89
C ALA C 131 6.01 20.62 18.61
N GLU C 132 6.49 21.84 18.43
CA GLU C 132 6.09 22.61 17.27
C GLU C 132 7.00 22.39 16.05
N ASP C 133 7.90 21.41 16.12
CA ASP C 133 8.73 21.00 14.96
C ASP C 133 7.96 20.05 14.02
N GLN C 134 6.77 19.64 14.45
CA GLN C 134 5.87 18.80 13.65
C GLN C 134 5.35 19.54 12.41
N LEU C 135 4.69 18.81 11.54
CA LEU C 135 4.05 19.38 10.36
C LEU C 135 2.71 20.04 10.70
N ARG C 136 2.41 21.16 10.04
CA ARG C 136 1.10 21.78 10.20
C ARG C 136 0.06 20.96 9.44
N PRO C 137 -1.15 20.82 10.02
CA PRO C 137 -2.21 20.04 9.38
C PRO C 137 -2.61 20.67 8.05
N ARG C 138 -2.72 19.86 7.01
CA ARG C 138 -3.21 20.35 5.73
C ARG C 138 -4.51 19.65 5.31
N VAL C 139 -5.58 20.45 5.15
CA VAL C 139 -6.89 19.96 4.73
C VAL C 139 -6.90 19.58 3.26
N LEU C 140 -7.30 18.35 2.95
CA LEU C 140 -7.29 17.87 1.56
C LEU C 140 -8.66 17.90 0.85
N PHE C 141 -9.72 17.62 1.61
CA PHE C 141 -11.09 17.59 1.08
C PHE C 141 -12.06 17.49 2.24
N HIS C 142 -13.22 18.14 2.12
CA HIS C 142 -14.33 17.90 3.07
C HIS C 142 -15.67 18.17 2.39
N ASP C 143 -16.72 17.46 2.82
CA ASP C 143 -18.04 17.60 2.21
C ASP C 143 -19.15 16.95 3.04
N ILE C 144 -20.37 17.45 2.87
CA ILE C 144 -21.53 16.90 3.55
C ILE C 144 -22.56 16.39 2.57
N ILE C 145 -22.73 15.06 2.56
CA ILE C 145 -23.73 14.42 1.74
C ILE C 145 -25.03 14.27 2.53
N THR C 146 -26.04 15.07 2.18
CA THR C 146 -27.35 14.95 2.86
C THR C 146 -28.22 13.87 2.24
N ASP C 147 -29.05 13.24 3.09
CA ASP C 147 -30.04 12.24 2.69
C ASP C 147 -29.40 11.16 1.82
N ILE C 148 -28.50 10.38 2.42
CA ILE C 148 -27.72 9.41 1.67
C ILE C 148 -28.64 8.33 1.10
N THR C 149 -28.42 8.00 -0.17
CA THR C 149 -29.23 6.99 -0.84
C THR C 149 -28.88 5.61 -0.31
N ASP C 150 -29.81 4.67 -0.40
CA ASP C 150 -29.62 3.35 0.17
C ASP C 150 -28.55 2.52 -0.54
N GLN C 151 -28.37 2.73 -1.85
CA GLN C 151 -27.37 1.96 -2.58
C GLN C 151 -26.00 2.44 -2.17
N HIS C 152 -25.88 3.73 -1.88
CA HIS C 152 -24.62 4.30 -1.39
C HIS C 152 -24.30 3.77 0.01
N ALA C 153 -25.30 3.76 0.91
CA ALA C 153 -25.10 3.30 2.29
C ALA C 153 -24.71 1.81 2.40
N VAL C 154 -25.34 0.94 1.61
CA VAL C 154 -25.02 -0.48 1.76
C VAL C 154 -23.60 -0.74 1.24
N ILE C 155 -23.21 -0.12 0.12
CA ILE C 155 -21.86 -0.42 -0.37
C ILE C 155 -20.82 0.30 0.52
N LEU C 156 -21.22 1.43 1.10
CA LEU C 156 -20.34 2.16 2.02
C LEU C 156 -20.07 1.32 3.27
N ASN C 157 -21.10 0.66 3.80
CA ASN C 157 -20.99 -0.11 5.03
C ASN C 157 -20.13 -1.39 4.87
N ARG C 158 -19.91 -1.81 3.63
CA ARG C 158 -19.17 -3.04 3.33
C ARG C 158 -17.65 -2.82 3.17
N ASN C 159 -17.23 -1.57 3.20
CA ASN C 159 -15.82 -1.26 3.17
C ASN C 159 -15.46 -0.77 4.55
N ARG C 160 -16.38 -1.05 5.47
CA ARG C 160 -16.21 -0.70 6.88
C ARG C 160 -16.32 -1.90 7.80
N GLN C 161 -16.64 -1.59 9.05
CA GLN C 161 -15.98 -2.25 10.18
C GLN C 161 -16.85 -2.35 11.41
N ALA C 162 -17.05 -1.16 12.00
CA ALA C 162 -17.66 -0.90 13.30
C ALA C 162 -19.02 -0.33 13.04
N SER C 163 -19.26 0.91 13.46
CA SER C 163 -20.59 1.48 13.28
C SER C 163 -20.93 1.63 11.80
N MET C 164 -22.22 1.81 11.55
CA MET C 164 -22.72 1.82 10.18
C MET C 164 -23.59 3.03 9.99
N ILE C 165 -23.71 3.48 8.74
CA ILE C 165 -24.58 4.57 8.45
C ILE C 165 -25.87 4.03 7.80
N LEU C 166 -27.00 4.62 8.18
CA LEU C 166 -28.29 4.19 7.66
C LEU C 166 -28.79 5.09 6.54
N PRO C 167 -29.56 4.52 5.60
CA PRO C 167 -30.08 5.34 4.50
C PRO C 167 -30.91 6.50 5.03
N GLY C 168 -30.70 7.71 4.54
CA GLY C 168 -31.45 8.86 5.03
C GLY C 168 -30.68 9.78 5.97
N GLN C 169 -29.64 9.25 6.63
CA GLN C 169 -28.78 10.08 7.46
C GLN C 169 -27.88 10.93 6.58
N SER C 170 -27.28 11.96 7.17
CA SER C 170 -26.33 12.78 6.43
C SER C 170 -24.89 12.31 6.72
N LEU C 171 -24.01 12.44 5.74
CA LEU C 171 -22.63 11.94 5.89
C LEU C 171 -21.64 13.07 5.77
N LEU C 172 -20.76 13.19 6.77
CA LEU C 172 -19.62 14.10 6.66
C LEU C 172 -18.37 13.27 6.38
N VAL C 173 -17.64 13.65 5.34
CA VAL C 173 -16.34 13.07 5.02
C VAL C 173 -15.28 14.18 5.16
N TYR C 174 -14.13 13.85 5.74
CA TYR C 174 -13.05 14.83 5.96
C TYR C 174 -11.66 14.18 5.76
N GLU C 175 -10.85 14.73 4.85
CA GLU C 175 -9.53 14.15 4.55
C GLU C 175 -8.41 15.16 4.88
N MET C 176 -7.31 14.69 5.47
CA MET C 176 -6.22 15.60 5.90
C MET C 176 -4.87 14.90 5.78
N THR C 177 -3.79 15.66 5.92
CA THR C 177 -2.44 15.09 5.97
C THR C 177 -1.49 15.98 6.78
N PRO C 178 -0.59 15.36 7.55
CA PRO C 178 -0.39 13.92 7.79
C PRO C 178 -1.58 13.19 8.38
N ALA C 179 -1.67 11.89 8.13
CA ALA C 179 -2.82 11.08 8.47
C ALA C 179 -3.15 11.05 9.98
N LEU C 180 -2.13 11.11 10.84
CA LEU C 180 -2.40 10.87 12.26
C LEU C 180 -3.21 11.99 12.88
N PHE C 181 -3.31 13.12 12.18
CA PHE C 181 -4.14 14.20 12.68
C PHE C 181 -5.62 13.80 12.63
N ALA C 182 -5.95 12.71 11.94
CA ALA C 182 -7.33 12.24 11.88
C ALA C 182 -7.86 11.87 13.28
N ALA C 183 -6.94 11.44 14.15
CA ALA C 183 -7.27 11.07 15.53
C ALA C 183 -7.90 12.24 16.32
N VAL C 184 -7.28 13.42 16.31
CA VAL C 184 -7.83 14.54 17.07
C VAL C 184 -9.10 15.05 16.41
N ALA C 185 -9.18 15.01 15.09
CA ALA C 185 -10.38 15.49 14.44
C ALA C 185 -11.59 14.65 14.85
N ALA C 186 -11.41 13.34 14.91
CA ALA C 186 -12.47 12.42 15.31
C ALA C 186 -12.88 12.62 16.76
N ASN C 187 -11.91 12.69 17.66
CA ASN C 187 -12.23 12.85 19.08
C ASN C 187 -12.89 14.17 19.41
N GLU C 188 -12.47 15.24 18.72
CA GLU C 188 -13.05 16.57 18.95
C GLU C 188 -14.48 16.65 18.41
N ALA C 189 -14.71 16.06 17.24
CA ALA C 189 -16.05 16.03 16.64
C ALA C 189 -17.05 15.36 17.58
N GLU C 190 -16.65 14.23 18.16
CA GLU C 190 -17.54 13.53 19.05
C GLU C 190 -17.78 14.35 20.33
N ARG C 191 -16.80 15.16 20.74
CA ARG C 191 -16.95 15.94 21.97
C ARG C 191 -18.07 16.99 21.88
N VAL C 192 -18.19 17.65 20.74
CA VAL C 192 -19.13 18.75 20.58
C VAL C 192 -20.49 18.29 20.02
N ALA C 193 -20.55 17.04 19.58
CA ALA C 193 -21.78 16.49 19.04
C ALA C 193 -21.90 15.00 19.35
N PRO C 194 -22.08 14.66 20.63
CA PRO C 194 -21.99 13.27 21.07
C PRO C 194 -23.04 12.33 20.43
N GLY C 195 -24.10 12.87 19.84
CA GLY C 195 -25.10 12.04 19.20
C GLY C 195 -24.69 11.49 17.85
N LEU C 196 -23.56 11.95 17.31
CA LEU C 196 -23.16 11.51 15.97
C LEU C 196 -22.70 10.04 15.96
N THR C 197 -22.52 9.49 14.77
CA THR C 197 -22.09 8.10 14.63
C THR C 197 -20.73 8.05 13.98
N VAL C 198 -19.74 7.51 14.68
CA VAL C 198 -18.40 7.38 14.08
C VAL C 198 -18.34 6.13 13.23
N VAL C 199 -18.34 6.35 11.92
CA VAL C 199 -18.42 5.27 10.96
C VAL C 199 -17.05 4.64 10.66
N ASP C 200 -16.05 5.50 10.50
CA ASP C 200 -14.71 5.08 10.13
C ASP C 200 -13.67 6.20 10.36
N VAL C 201 -12.49 5.80 10.84
CA VAL C 201 -11.36 6.72 11.02
C VAL C 201 -10.06 6.03 10.57
N GLN C 202 -9.49 6.51 9.46
CA GLN C 202 -8.23 6.00 8.94
C GLN C 202 -7.07 6.95 9.33
N MET C 203 -6.21 6.52 10.26
CA MET C 203 -5.12 7.35 10.81
C MET C 203 -3.75 7.01 10.27
N ILE C 204 -3.71 6.02 9.39
CA ILE C 204 -2.46 5.49 8.90
C ILE C 204 -2.37 5.57 7.39
N GLY C 205 -1.28 6.14 6.91
CA GLY C 205 -1.10 6.23 5.48
C GLY C 205 -0.48 7.53 5.05
N ALA C 206 -0.66 7.82 3.78
CA ALA C 206 -0.26 9.08 3.20
C ALA C 206 -1.28 10.19 3.57
N ALA C 207 -2.54 9.78 3.78
CA ALA C 207 -3.60 10.73 4.13
C ALA C 207 -4.61 10.11 5.13
N GLY C 208 -5.18 10.95 6.00
CA GLY C 208 -6.19 10.53 6.96
C GLY C 208 -7.60 10.75 6.42
N ARG C 209 -8.52 9.87 6.80
CA ARG C 209 -9.90 9.99 6.33
C ARG C 209 -10.90 9.78 7.46
N LEU C 210 -11.87 10.67 7.53
CA LEU C 210 -12.89 10.59 8.58
C LEU C 210 -14.27 10.47 7.94
N TYR C 211 -15.03 9.50 8.44
CA TYR C 211 -16.41 9.27 8.05
C TYR C 211 -17.36 9.43 9.25
N ILE C 212 -18.26 10.42 9.19
CA ILE C 212 -19.19 10.69 10.29
C ILE C 212 -20.64 10.71 9.82
N GLY C 213 -21.52 10.00 10.54
CA GLY C 213 -22.94 10.03 10.23
C GLY C 213 -23.79 10.66 11.34
N GLY C 214 -24.89 11.29 10.94
CA GLY C 214 -25.84 11.89 11.87
C GLY C 214 -26.87 12.75 11.15
N SER C 215 -27.55 13.63 11.88
CA SER C 215 -28.44 14.62 11.24
C SER C 215 -27.61 15.73 10.62
N THR C 216 -28.21 16.47 9.70
CA THR C 216 -27.49 17.52 8.97
C THR C 216 -26.95 18.57 9.92
N ASP C 217 -27.56 18.70 11.10
CA ASP C 217 -27.11 19.68 12.07
C ASP C 217 -25.94 19.23 12.93
N GLU C 218 -25.96 17.96 13.35
CA GLU C 218 -24.87 17.37 14.11
C GLU C 218 -23.55 17.41 13.35
N VAL C 219 -23.59 17.05 12.07
CA VAL C 219 -22.39 16.94 11.26
C VAL C 219 -21.87 18.29 10.81
N THR C 220 -22.76 19.28 10.69
CA THR C 220 -22.36 20.62 10.32
C THR C 220 -21.64 21.26 11.50
N VAL C 221 -22.17 21.02 12.69
CA VAL C 221 -21.52 21.47 13.91
C VAL C 221 -20.18 20.75 14.05
N ALA C 222 -20.17 19.46 13.72
CA ALA C 222 -18.92 18.68 13.79
C ALA C 222 -17.89 19.17 12.77
N ARG C 223 -18.32 19.40 11.53
CA ARG C 223 -17.38 19.85 10.50
C ARG C 223 -16.73 21.18 10.85
N ASP C 224 -17.53 22.15 11.29
CA ASP C 224 -17.03 23.49 11.63
C ASP C 224 -15.98 23.45 12.73
N HIS C 225 -16.27 22.70 13.79
CA HIS C 225 -15.36 22.60 14.93
C HIS C 225 -14.02 21.95 14.51
N ILE C 226 -14.09 20.90 13.69
CA ILE C 226 -12.88 20.22 13.19
C ILE C 226 -11.92 21.18 12.47
N THR C 227 -12.46 22.02 11.58
CA THR C 227 -11.68 23.02 10.87
C THR C 227 -10.98 24.02 11.82
N THR C 228 -11.70 24.44 12.85
CA THR C 228 -11.17 25.37 13.87
C THR C 228 -9.99 24.76 14.62
N VAL C 229 -10.19 23.53 15.11
CA VAL C 229 -9.18 22.77 15.82
C VAL C 229 -7.91 22.60 14.99
N LEU C 230 -8.07 22.25 13.72
CA LEU C 230 -6.93 22.03 12.83
C LEU C 230 -6.18 23.32 12.49
N SER C 231 -6.90 24.43 12.34
CA SER C 231 -6.24 25.70 12.05
C SER C 231 -5.38 26.16 13.22
N ALA C 232 -5.81 25.77 14.42
CA ALA C 232 -5.19 26.21 15.67
C ALA C 232 -3.94 25.42 16.02
N ILE C 233 -3.66 24.34 15.29
CA ILE C 233 -2.46 23.54 15.58
C ILE C 233 -1.22 24.15 14.90
N GLU C 234 -0.18 24.40 15.70
CA GLU C 234 1.04 25.04 15.23
C GLU C 234 2.07 24.04 14.77
N GLY C 235 2.61 24.28 13.58
CA GLY C 235 3.64 23.43 13.05
C GLY C 235 4.29 24.00 11.82
N GLN C 236 5.20 23.23 11.24
CA GLN C 236 6.01 23.65 10.10
C GLN C 236 5.33 23.52 8.76
N GLU C 237 6.11 23.72 7.71
CA GLU C 237 5.61 23.64 6.35
C GLU C 237 6.27 22.48 5.55
N HIS C 238 5.52 21.76 4.71
CA HIS C 238 4.48 22.27 3.78
C HIS C 238 3.50 23.35 4.21
#